data_2AFP
#
_entry.id   2AFP
#
_cell.length_a   1.000
_cell.length_b   1.000
_cell.length_c   1.000
_cell.angle_alpha   90.00
_cell.angle_beta   90.00
_cell.angle_gamma   90.00
#
_symmetry.space_group_name_H-M   'P 1'
#
_entity_poly.entity_id   1
_entity_poly.type   'polypeptide(L)'
_entity_poly.pdbx_seq_one_letter_code
;QRAGPNCPAGWQPLGDRCIYYETTAMTWALAETNCMKLGGHLASIHSQEEHSFIQTLNAGVVWIGGSACLQAGAWTWSDG
TPMNFRSWCSTKPDDVLAACCMQMTAAADQCWDDLPCPASHKSVCAMTF
;
_entity_poly.pdbx_strand_id   A
#
# COMPACT_ATOMS: atom_id res chain seq x y z
N GLN A 1 -35.85 -8.84 9.47
CA GLN A 1 -34.56 -9.07 10.18
C GLN A 1 -33.51 -9.59 9.20
N ARG A 2 -32.63 -8.69 8.77
CA ARG A 2 -31.59 -9.07 7.83
C ARG A 2 -30.29 -8.31 8.13
N ALA A 3 -29.58 -8.79 9.14
CA ALA A 3 -28.32 -8.16 9.54
C ALA A 3 -27.18 -8.62 8.63
N GLY A 4 -26.57 -7.67 7.93
CA GLY A 4 -25.47 -7.98 7.03
C GLY A 4 -25.19 -6.81 6.08
N PRO A 5 -24.40 -5.82 6.51
CA PRO A 5 -24.08 -4.65 5.67
C PRO A 5 -22.94 -4.93 4.69
N ASN A 6 -21.77 -5.26 5.23
CA ASN A 6 -20.61 -5.55 4.39
C ASN A 6 -19.57 -6.35 5.18
N CYS A 7 -18.93 -5.69 6.13
CA CYS A 7 -17.92 -6.35 6.96
C CYS A 7 -18.56 -6.86 8.26
N PRO A 8 -17.83 -7.67 9.04
CA PRO A 8 -18.36 -8.23 10.31
C PRO A 8 -18.28 -7.22 11.46
N ALA A 9 -17.06 -6.83 11.80
CA ALA A 9 -16.85 -5.87 12.89
C ALA A 9 -15.38 -5.51 13.01
N GLY A 10 -15.11 -4.36 13.64
CA GLY A 10 -13.74 -3.91 13.82
C GLY A 10 -13.07 -3.67 12.47
N TRP A 11 -13.84 -3.13 11.53
CA TRP A 11 -13.32 -2.84 10.20
C TRP A 11 -13.97 -1.60 9.62
N GLN A 12 -13.73 -1.33 8.33
CA GLN A 12 -14.30 -0.15 7.70
C GLN A 12 -14.89 -0.49 6.32
N PRO A 13 -16.20 -0.83 6.27
CA PRO A 13 -16.87 -1.18 4.99
C PRO A 13 -17.35 0.04 4.20
N LEU A 14 -16.42 0.92 3.86
CA LEU A 14 -16.77 2.13 3.11
C LEU A 14 -17.34 1.75 1.74
N GLY A 15 -18.60 2.11 1.51
CA GLY A 15 -19.25 1.81 0.25
C GLY A 15 -19.82 0.39 0.24
N ASP A 16 -19.00 -0.55 -0.21
CA ASP A 16 -19.43 -1.95 -0.28
C ASP A 16 -18.31 -2.85 0.24
N ARG A 17 -17.11 -2.66 -0.32
CA ARG A 17 -15.96 -3.43 0.10
C ARG A 17 -15.55 -2.97 1.50
N CYS A 18 -14.32 -3.27 1.89
CA CYS A 18 -13.83 -2.86 3.20
C CYS A 18 -12.41 -2.35 3.06
N ILE A 19 -12.15 -1.18 3.63
CA ILE A 19 -10.81 -0.60 3.54
C ILE A 19 -10.46 0.12 4.82
N TYR A 20 -9.17 0.34 5.02
CA TYR A 20 -8.69 1.01 6.21
C TYR A 20 -7.74 2.15 5.84
N TYR A 21 -7.45 3.00 6.82
CA TYR A 21 -6.57 4.14 6.59
C TYR A 21 -6.07 4.69 7.91
N GLU A 22 -4.90 5.31 7.89
CA GLU A 22 -4.34 5.89 9.11
C GLU A 22 -3.69 7.23 8.81
N THR A 23 -2.99 7.77 9.80
CA THR A 23 -2.32 9.07 9.64
C THR A 23 -0.96 9.05 10.31
N THR A 24 -0.91 8.51 11.54
CA THR A 24 0.35 8.43 12.27
C THR A 24 1.39 7.66 11.47
N ALA A 25 2.60 8.22 11.41
CA ALA A 25 3.68 7.59 10.66
C ALA A 25 3.96 6.18 11.17
N MET A 26 3.63 5.19 10.34
CA MET A 26 3.86 3.79 10.70
C MET A 26 4.18 3.02 9.43
N THR A 27 5.45 2.70 9.28
CA THR A 27 5.92 2.00 8.12
C THR A 27 5.50 0.52 8.14
N TRP A 28 5.81 -0.13 7.01
CA TRP A 28 5.58 -1.57 6.79
C TRP A 28 5.52 -2.38 8.10
N ALA A 29 6.59 -2.28 8.88
CA ALA A 29 6.68 -2.99 10.15
C ALA A 29 5.51 -2.63 11.06
N LEU A 30 5.32 -1.34 11.30
CA LEU A 30 4.24 -0.89 12.17
C LEU A 30 2.88 -1.09 11.51
N ALA A 31 2.79 -0.75 10.24
CA ALA A 31 1.53 -0.89 9.50
C ALA A 31 1.16 -2.37 9.31
N GLU A 32 1.96 -3.07 8.49
CA GLU A 32 1.71 -4.49 8.20
C GLU A 32 1.33 -5.29 9.45
N THR A 33 2.09 -5.11 10.53
CA THR A 33 1.82 -5.83 11.77
C THR A 33 0.39 -5.55 12.26
N ASN A 34 0.09 -4.27 12.47
CA ASN A 34 -1.24 -3.88 12.94
C ASN A 34 -2.30 -4.27 11.90
N CYS A 35 -1.94 -4.11 10.63
CA CYS A 35 -2.85 -4.44 9.54
C CYS A 35 -3.14 -5.93 9.51
N MET A 36 -2.10 -6.73 9.75
CA MET A 36 -2.24 -8.18 9.74
C MET A 36 -3.26 -8.63 10.79
N LYS A 37 -3.12 -8.09 12.00
CA LYS A 37 -4.03 -8.44 13.10
C LYS A 37 -5.47 -8.09 12.72
N LEU A 38 -5.63 -7.08 11.89
CA LEU A 38 -6.96 -6.65 11.47
C LEU A 38 -7.56 -7.67 10.51
N GLY A 39 -6.79 -8.01 9.46
CA GLY A 39 -7.26 -8.97 8.47
C GLY A 39 -7.21 -8.37 7.07
N GLY A 40 -6.02 -8.37 6.48
CA GLY A 40 -5.85 -7.83 5.13
C GLY A 40 -4.37 -7.61 4.82
N HIS A 41 -4.07 -6.45 4.24
CA HIS A 41 -2.69 -6.12 3.88
C HIS A 41 -2.63 -4.73 3.24
N LEU A 42 -1.44 -4.35 2.78
CA LEU A 42 -1.27 -3.05 2.13
C LEU A 42 -2.16 -2.97 0.89
N ALA A 43 -3.08 -2.02 0.89
CA ALA A 43 -4.01 -1.85 -0.23
C ALA A 43 -3.27 -1.67 -1.55
N SER A 44 -4.04 -1.69 -2.64
CA SER A 44 -3.47 -1.53 -3.98
C SER A 44 -4.39 -0.65 -4.83
N ILE A 45 -4.07 -0.56 -6.11
CA ILE A 45 -4.89 0.26 -7.02
C ILE A 45 -5.16 -0.48 -8.32
N HIS A 46 -6.29 -0.15 -8.93
CA HIS A 46 -6.68 -0.76 -10.19
C HIS A 46 -7.47 0.24 -11.04
N SER A 47 -8.44 0.89 -10.40
CA SER A 47 -9.27 1.88 -11.08
C SER A 47 -8.49 3.18 -11.33
N GLN A 48 -7.29 3.29 -10.76
CA GLN A 48 -6.46 4.50 -10.93
C GLN A 48 -7.01 5.65 -10.09
N GLU A 49 -8.26 6.05 -10.35
CA GLU A 49 -8.86 7.13 -9.57
C GLU A 49 -8.78 6.80 -8.08
N GLU A 50 -8.78 5.51 -7.76
CA GLU A 50 -8.67 5.08 -6.38
C GLU A 50 -7.30 5.46 -5.85
N HIS A 51 -6.30 5.45 -6.74
CA HIS A 51 -4.96 5.86 -6.35
C HIS A 51 -5.01 7.31 -5.89
N SER A 52 -5.76 8.11 -6.64
CA SER A 52 -5.94 9.52 -6.29
C SER A 52 -6.47 9.66 -4.87
N PHE A 53 -7.27 8.67 -4.46
CA PHE A 53 -7.87 8.67 -3.12
C PHE A 53 -6.80 8.84 -2.03
N ILE A 54 -5.86 7.90 -1.98
CA ILE A 54 -4.79 7.96 -0.98
C ILE A 54 -3.97 9.23 -1.15
N GLN A 55 -3.82 9.69 -2.38
CA GLN A 55 -3.06 10.91 -2.66
C GLN A 55 -3.82 12.15 -2.17
N THR A 56 -5.15 12.05 -2.20
CA THR A 56 -5.99 13.17 -1.77
C THR A 56 -5.94 13.34 -0.24
N LEU A 57 -5.73 12.22 0.46
CA LEU A 57 -5.67 12.28 1.92
C LEU A 57 -4.37 12.94 2.38
N ASN A 58 -3.25 12.48 1.82
CA ASN A 58 -1.95 13.04 2.18
C ASN A 58 -1.66 12.86 3.68
N ALA A 59 -0.70 12.00 3.98
CA ALA A 59 -0.32 11.74 5.37
C ALA A 59 0.99 10.97 5.44
N GLY A 60 1.88 11.24 4.48
CA GLY A 60 3.17 10.57 4.43
C GLY A 60 3.26 9.72 3.17
N VAL A 61 4.03 8.65 3.22
CA VAL A 61 4.16 7.77 2.04
C VAL A 61 3.25 6.57 2.21
N VAL A 62 3.08 5.78 1.15
CA VAL A 62 2.21 4.61 1.22
C VAL A 62 2.96 3.38 0.75
N TRP A 63 3.08 2.40 1.66
CA TRP A 63 3.77 1.16 1.34
C TRP A 63 2.86 0.25 0.52
N ILE A 64 2.93 0.39 -0.80
CA ILE A 64 2.11 -0.43 -1.69
C ILE A 64 2.86 -0.73 -2.98
N GLY A 65 3.19 -2.01 -3.17
CA GLY A 65 3.92 -2.44 -4.37
C GLY A 65 4.47 -3.85 -4.18
N GLY A 66 4.95 -4.12 -2.97
CA GLY A 66 5.50 -5.44 -2.66
C GLY A 66 6.86 -5.33 -1.99
N SER A 67 7.81 -6.14 -2.46
CA SER A 67 9.16 -6.14 -1.88
C SER A 67 10.09 -7.00 -2.74
N ALA A 68 11.37 -6.64 -2.73
CA ALA A 68 12.37 -7.37 -3.51
C ALA A 68 13.77 -7.12 -2.96
N CYS A 69 14.35 -8.15 -2.36
CA CYS A 69 15.69 -8.04 -1.79
C CYS A 69 16.31 -9.42 -1.58
N LEU A 70 15.92 -10.37 -2.42
CA LEU A 70 16.44 -11.74 -2.31
C LEU A 70 16.37 -12.44 -3.66
N GLN A 71 16.49 -11.67 -4.74
CA GLN A 71 16.44 -12.26 -6.08
C GLN A 71 17.19 -11.37 -7.07
N ALA A 72 17.16 -11.78 -8.34
CA ALA A 72 17.85 -11.03 -9.38
C ALA A 72 16.84 -10.43 -10.36
N GLY A 73 16.34 -9.25 -10.04
CA GLY A 73 15.36 -8.58 -10.89
C GLY A 73 14.03 -9.30 -10.86
N ALA A 74 13.35 -9.23 -9.72
CA ALA A 74 12.05 -9.88 -9.57
C ALA A 74 11.17 -9.09 -8.62
N TRP A 75 10.32 -8.24 -9.19
CA TRP A 75 9.42 -7.43 -8.38
C TRP A 75 7.97 -7.91 -8.53
N THR A 76 7.31 -8.12 -7.39
CA THR A 76 5.92 -8.57 -7.40
C THR A 76 5.13 -7.90 -6.28
N TRP A 77 3.87 -8.27 -6.15
CA TRP A 77 3.02 -7.70 -5.11
C TRP A 77 3.54 -8.10 -3.74
N SER A 78 2.76 -7.79 -2.69
CA SER A 78 3.16 -8.12 -1.33
C SER A 78 3.49 -9.60 -1.19
N ASP A 79 2.71 -10.44 -1.86
CA ASP A 79 2.93 -11.88 -1.79
C ASP A 79 2.31 -12.59 -2.99
N GLY A 80 2.33 -11.91 -4.14
CA GLY A 80 1.74 -12.49 -5.34
C GLY A 80 2.52 -12.11 -6.60
N THR A 81 1.80 -11.56 -7.57
CA THR A 81 2.40 -11.16 -8.84
C THR A 81 2.50 -9.63 -8.92
N PRO A 82 3.09 -9.08 -10.00
CA PRO A 82 3.21 -7.62 -10.15
C PRO A 82 1.93 -6.97 -10.65
N MET A 83 1.94 -5.64 -10.75
CA MET A 83 0.78 -4.91 -11.22
C MET A 83 1.12 -4.20 -12.54
N ASN A 84 0.37 -3.16 -12.85
CA ASN A 84 0.58 -2.40 -14.09
C ASN A 84 0.13 -0.95 -13.89
N PHE A 85 0.13 -0.17 -14.98
CA PHE A 85 -0.29 1.22 -14.90
C PHE A 85 0.64 2.01 -13.99
N ARG A 86 1.44 2.87 -14.61
CA ARG A 86 2.39 3.72 -13.90
C ARG A 86 3.21 4.54 -14.88
N SER A 87 2.70 5.72 -15.21
CA SER A 87 3.39 6.61 -16.15
C SER A 87 3.74 7.93 -15.48
N TRP A 88 4.02 7.86 -14.19
CA TRP A 88 4.37 9.06 -13.42
C TRP A 88 5.71 9.60 -13.88
N CYS A 89 6.73 8.76 -13.81
CA CYS A 89 8.08 9.16 -14.23
C CYS A 89 8.88 7.94 -14.70
N SER A 90 10.15 8.16 -15.02
CA SER A 90 11.02 7.08 -15.47
C SER A 90 11.08 5.96 -14.45
N THR A 91 11.72 4.86 -14.84
CA THR A 91 11.85 3.71 -13.94
C THR A 91 12.66 4.08 -12.71
N LYS A 92 12.42 3.34 -11.63
CA LYS A 92 13.13 3.60 -10.38
C LYS A 92 14.64 3.37 -10.56
N PRO A 93 15.49 4.13 -9.84
CA PRO A 93 16.95 3.98 -9.97
C PRO A 93 17.50 2.85 -9.10
N ASP A 94 18.49 2.14 -9.65
CA ASP A 94 19.11 1.03 -8.93
C ASP A 94 18.08 -0.05 -8.59
N ASP A 95 18.57 -1.14 -8.02
CA ASP A 95 17.70 -2.25 -7.64
C ASP A 95 18.50 -3.32 -6.91
N VAL A 96 19.43 -2.88 -6.08
CA VAL A 96 20.28 -3.79 -5.31
C VAL A 96 19.77 -3.91 -3.88
N LEU A 97 20.56 -4.58 -3.03
CA LEU A 97 20.19 -4.76 -1.63
C LEU A 97 19.94 -3.42 -0.94
N ALA A 98 20.48 -2.34 -1.51
CA ALA A 98 20.31 -1.00 -0.94
C ALA A 98 18.83 -0.70 -0.64
N ALA A 99 17.94 -1.37 -1.36
CA ALA A 99 16.50 -1.19 -1.16
C ALA A 99 15.80 -2.54 -1.18
N CYS A 100 15.00 -2.79 -0.15
CA CYS A 100 14.29 -4.06 -0.04
C CYS A 100 12.77 -3.84 -0.03
N CYS A 101 12.33 -2.76 0.59
CA CYS A 101 10.91 -2.46 0.66
C CYS A 101 10.55 -1.36 -0.32
N MET A 102 9.82 -1.72 -1.38
CA MET A 102 9.40 -0.73 -2.38
C MET A 102 8.69 0.43 -1.69
N GLN A 103 8.57 1.56 -2.38
CA GLN A 103 7.91 2.71 -1.79
C GLN A 103 7.55 3.75 -2.84
N MET A 104 6.39 4.37 -2.66
CA MET A 104 5.92 5.39 -3.59
C MET A 104 5.67 6.69 -2.84
N THR A 105 6.71 7.52 -2.74
CA THR A 105 6.61 8.81 -2.03
C THR A 105 5.34 9.56 -2.42
N ALA A 106 5.01 10.58 -1.63
CA ALA A 106 3.77 11.34 -1.89
C ALA A 106 4.00 12.85 -1.85
N ALA A 107 4.95 13.35 -2.66
CA ALA A 107 5.20 14.79 -2.70
C ALA A 107 4.52 15.44 -3.91
N ALA A 108 4.05 14.59 -4.86
CA ALA A 108 3.42 15.05 -6.12
C ALA A 108 4.49 15.10 -7.21
N ASP A 109 5.71 15.42 -6.80
CA ASP A 109 6.83 15.45 -7.72
C ASP A 109 7.88 14.43 -7.24
N GLN A 110 7.62 13.77 -6.09
CA GLN A 110 8.55 12.78 -5.59
C GLN A 110 8.56 11.59 -6.51
N CYS A 111 7.35 11.24 -6.96
CA CYS A 111 7.19 10.09 -7.86
C CYS A 111 7.58 8.80 -7.13
N TRP A 112 7.23 7.67 -7.72
CA TRP A 112 7.54 6.38 -7.11
C TRP A 112 9.05 6.20 -6.98
N ASP A 113 9.46 5.49 -5.93
CA ASP A 113 10.88 5.24 -5.68
C ASP A 113 11.06 4.26 -4.53
N ASP A 114 11.68 3.12 -4.83
CA ASP A 114 11.93 2.09 -3.82
C ASP A 114 12.58 2.68 -2.57
N LEU A 115 12.54 1.92 -1.47
CA LEU A 115 13.13 2.39 -0.22
C LEU A 115 13.81 1.22 0.51
N PRO A 116 14.62 1.52 1.54
CA PRO A 116 15.31 0.47 2.31
C PRO A 116 14.43 -0.18 3.38
N CYS A 117 13.18 0.33 3.52
CA CYS A 117 12.15 -0.16 4.48
C CYS A 117 11.93 0.79 5.68
N PRO A 118 12.98 1.36 6.32
CA PRO A 118 12.78 2.26 7.46
C PRO A 118 12.41 3.68 7.03
N ALA A 119 11.12 4.01 7.18
CA ALA A 119 10.62 5.32 6.81
C ALA A 119 9.16 5.41 7.23
N SER A 120 8.96 5.51 8.53
CA SER A 120 7.61 5.56 9.11
C SER A 120 6.67 6.49 8.35
N HIS A 121 5.93 5.88 7.45
CA HIS A 121 4.96 6.59 6.64
C HIS A 121 3.57 6.04 6.93
N LYS A 122 2.53 6.85 6.69
CA LYS A 122 1.14 6.43 6.96
C LYS A 122 0.88 5.02 6.43
N SER A 123 -0.22 4.44 6.88
CA SER A 123 -0.57 3.08 6.45
C SER A 123 -1.82 3.10 5.59
N VAL A 124 -1.80 2.29 4.54
CA VAL A 124 -2.93 2.19 3.63
C VAL A 124 -3.28 0.71 3.44
N CYS A 125 -4.32 0.27 4.13
CA CYS A 125 -4.74 -1.12 4.05
C CYS A 125 -6.17 -1.24 3.51
N ALA A 126 -6.41 -2.33 2.79
CA ALA A 126 -7.73 -2.59 2.23
C ALA A 126 -8.13 -4.03 2.51
N MET A 127 -9.34 -4.42 2.11
CA MET A 127 -9.78 -5.80 2.34
C MET A 127 -11.14 -6.05 1.70
N THR A 128 -11.54 -7.33 1.68
CA THR A 128 -12.83 -7.70 1.10
C THR A 128 -13.41 -8.90 1.84
N PHE A 129 -14.58 -9.35 1.39
CA PHE A 129 -15.24 -10.49 2.02
C PHE A 129 -15.91 -11.36 0.97
N GLN A 1 -18.96 -17.42 19.24
CA GLN A 1 -18.44 -16.16 18.62
C GLN A 1 -18.79 -16.14 17.14
N ARG A 2 -19.21 -14.98 16.66
CA ARG A 2 -19.58 -14.83 15.24
C ARG A 2 -19.07 -13.49 14.70
N ALA A 3 -18.94 -13.42 13.38
CA ALA A 3 -18.47 -12.20 12.74
C ALA A 3 -18.94 -12.15 11.29
N GLY A 4 -20.10 -11.53 11.07
CA GLY A 4 -20.65 -11.42 9.73
C GLY A 4 -19.93 -10.34 8.92
N PRO A 5 -20.09 -10.32 7.59
CA PRO A 5 -19.43 -9.31 6.73
C PRO A 5 -20.18 -7.99 6.70
N ASN A 6 -19.81 -7.14 5.74
CA ASN A 6 -20.45 -5.84 5.58
C ASN A 6 -20.19 -4.97 6.82
N CYS A 7 -19.65 -3.78 6.59
CA CYS A 7 -19.36 -2.87 7.69
C CYS A 7 -20.65 -2.40 8.36
N PRO A 8 -20.64 -2.17 9.69
CA PRO A 8 -21.84 -1.73 10.42
C PRO A 8 -22.06 -0.22 10.32
N ALA A 9 -21.05 0.54 10.72
CA ALA A 9 -21.15 2.00 10.67
C ALA A 9 -19.79 2.63 10.97
N GLY A 10 -19.11 2.08 11.98
CA GLY A 10 -17.80 2.59 12.36
C GLY A 10 -16.74 2.17 11.36
N TRP A 11 -16.82 2.74 10.16
CA TRP A 11 -15.86 2.41 9.11
C TRP A 11 -15.56 3.65 8.27
N GLN A 12 -14.87 3.46 7.15
CA GLN A 12 -14.52 4.55 6.26
C GLN A 12 -14.81 4.13 4.81
N PRO A 13 -16.09 3.90 4.47
CA PRO A 13 -16.48 3.47 3.11
C PRO A 13 -16.51 4.62 2.10
N LEU A 14 -15.85 4.41 0.96
CA LEU A 14 -15.80 5.41 -0.09
C LEU A 14 -17.21 5.71 -0.60
N GLY A 15 -17.81 4.72 -1.25
CA GLY A 15 -19.15 4.89 -1.80
C GLY A 15 -19.92 3.57 -1.81
N ASP A 16 -19.27 2.52 -2.31
CA ASP A 16 -19.91 1.20 -2.37
C ASP A 16 -18.94 0.11 -1.94
N ARG A 17 -18.06 0.46 -1.00
CA ARG A 17 -17.09 -0.48 -0.48
C ARG A 17 -16.73 -0.13 0.96
N CYS A 18 -15.65 -0.70 1.46
CA CYS A 18 -15.21 -0.43 2.83
C CYS A 18 -13.70 -0.27 2.83
N ILE A 19 -13.24 0.90 3.27
CA ILE A 19 -11.81 1.17 3.29
C ILE A 19 -11.44 1.95 4.55
N TYR A 20 -10.15 1.94 4.88
CA TYR A 20 -9.66 2.64 6.06
C TYR A 20 -8.37 3.39 5.72
N TYR A 21 -7.90 4.18 6.68
CA TYR A 21 -6.66 4.93 6.49
C TYR A 21 -6.19 5.47 7.83
N GLU A 22 -4.90 5.77 7.90
CA GLU A 22 -4.33 6.30 9.14
C GLU A 22 -3.33 7.41 8.83
N THR A 23 -2.78 8.01 9.88
CA THR A 23 -1.80 9.08 9.72
C THR A 23 -0.67 8.95 10.73
N THR A 24 -0.39 7.71 11.13
CA THR A 24 0.68 7.44 12.08
C THR A 24 1.74 6.58 11.40
N ALA A 25 3.00 6.94 11.59
CA ALA A 25 4.08 6.20 10.97
C ALA A 25 4.09 4.74 11.42
N MET A 26 3.52 3.89 10.57
CA MET A 26 3.47 2.46 10.84
C MET A 26 3.66 1.73 9.52
N THR A 27 4.86 1.22 9.34
CA THR A 27 5.22 0.54 8.13
C THR A 27 4.54 -0.84 8.05
N TRP A 28 4.72 -1.45 6.89
CA TRP A 28 4.23 -2.80 6.56
C TRP A 28 4.04 -3.69 7.81
N ALA A 29 5.13 -3.84 8.57
CA ALA A 29 5.11 -4.67 9.79
C ALA A 29 3.96 -4.27 10.70
N LEU A 30 3.82 -2.97 10.94
CA LEU A 30 2.75 -2.49 11.81
C LEU A 30 1.45 -2.34 11.04
N ALA A 31 1.57 -1.96 9.76
CA ALA A 31 0.40 -1.78 8.91
C ALA A 31 -0.30 -3.11 8.62
N GLU A 32 0.35 -3.94 7.79
CA GLU A 32 -0.22 -5.23 7.40
C GLU A 32 -0.66 -6.06 8.60
N THR A 33 0.21 -6.16 9.61
CA THR A 33 -0.12 -6.94 10.80
C THR A 33 -1.40 -6.42 11.46
N ASN A 34 -1.42 -5.13 11.74
CA ASN A 34 -2.60 -4.52 12.37
C ASN A 34 -3.80 -4.65 11.44
N CYS A 35 -3.55 -4.53 10.14
CA CYS A 35 -4.62 -4.64 9.14
C CYS A 35 -5.23 -6.04 9.15
N MET A 36 -4.38 -7.03 9.42
CA MET A 36 -4.85 -8.42 9.46
C MET A 36 -5.94 -8.60 10.50
N LYS A 37 -5.81 -7.88 11.61
CA LYS A 37 -6.79 -7.97 12.68
C LYS A 37 -8.16 -7.50 12.20
N LEU A 38 -8.14 -6.54 11.27
CA LEU A 38 -9.38 -6.01 10.73
C LEU A 38 -10.01 -7.00 9.75
N GLY A 39 -9.19 -7.53 8.86
CA GLY A 39 -9.67 -8.50 7.87
C GLY A 39 -9.14 -8.16 6.48
N GLY A 40 -9.16 -6.88 6.15
CA GLY A 40 -8.69 -6.43 4.84
C GLY A 40 -7.16 -6.56 4.74
N HIS A 41 -6.55 -5.61 4.03
CA HIS A 41 -5.10 -5.63 3.86
C HIS A 41 -4.67 -4.43 3.01
N LEU A 42 -3.39 -4.37 2.68
CA LEU A 42 -2.87 -3.25 1.86
C LEU A 42 -3.61 -3.20 0.53
N ALA A 43 -4.38 -2.12 0.35
CA ALA A 43 -5.16 -1.94 -0.88
C ALA A 43 -4.25 -1.92 -2.10
N SER A 44 -4.86 -2.05 -3.27
CA SER A 44 -4.11 -2.04 -4.53
C SER A 44 -4.80 -1.16 -5.57
N ILE A 45 -6.10 -1.36 -5.71
CA ILE A 45 -6.88 -0.57 -6.66
C ILE A 45 -6.42 -0.86 -8.09
N HIS A 46 -7.24 -0.50 -9.07
CA HIS A 46 -6.91 -0.72 -10.46
C HIS A 46 -6.84 0.61 -11.22
N SER A 47 -7.73 1.54 -10.85
CA SER A 47 -7.75 2.84 -11.49
C SER A 47 -6.55 3.68 -11.04
N GLN A 48 -6.50 4.91 -11.52
CA GLN A 48 -5.39 5.80 -11.16
C GLN A 48 -5.90 6.96 -10.31
N GLU A 49 -7.09 7.46 -10.66
CA GLU A 49 -7.67 8.56 -9.89
C GLU A 49 -7.90 8.11 -8.45
N GLU A 50 -8.22 6.83 -8.30
CA GLU A 50 -8.42 6.29 -6.96
C GLU A 50 -7.10 6.30 -6.21
N HIS A 51 -6.00 6.13 -6.95
CA HIS A 51 -4.69 6.18 -6.34
C HIS A 51 -4.47 7.59 -5.81
N SER A 52 -4.84 8.58 -6.62
CA SER A 52 -4.72 9.97 -6.21
C SER A 52 -5.50 10.20 -4.91
N PHE A 53 -6.63 9.51 -4.80
CA PHE A 53 -7.50 9.62 -3.64
C PHE A 53 -6.82 9.18 -2.35
N ILE A 54 -6.08 8.07 -2.42
CA ILE A 54 -5.43 7.53 -1.22
C ILE A 54 -4.20 8.35 -0.78
N GLN A 55 -3.75 9.29 -1.62
CA GLN A 55 -2.57 10.10 -1.24
C GLN A 55 -2.92 11.59 -1.17
N THR A 56 -3.80 12.02 -2.08
CA THR A 56 -4.20 13.44 -2.12
C THR A 56 -5.17 13.79 -0.98
N LEU A 57 -5.57 12.80 -0.18
CA LEU A 57 -6.51 13.07 0.90
C LEU A 57 -5.88 12.85 2.27
N ASN A 58 -5.71 11.60 2.65
CA ASN A 58 -5.17 11.26 3.95
C ASN A 58 -3.72 11.71 4.10
N ALA A 59 -2.75 10.80 3.92
CA ALA A 59 -1.36 11.18 4.10
C ALA A 59 -0.44 9.95 4.07
N GLY A 60 0.80 10.20 4.48
CA GLY A 60 1.83 9.16 4.55
C GLY A 60 1.99 8.40 3.23
N VAL A 61 2.73 7.29 3.27
CA VAL A 61 2.93 6.49 2.07
C VAL A 61 1.97 5.30 2.08
N VAL A 62 1.86 4.61 0.96
CA VAL A 62 0.96 3.47 0.87
C VAL A 62 1.73 2.26 0.37
N TRP A 63 2.08 1.40 1.33
CA TRP A 63 2.85 0.20 1.01
C TRP A 63 2.09 -0.68 0.01
N ILE A 64 2.77 -1.04 -1.07
CA ILE A 64 2.16 -1.88 -2.10
C ILE A 64 3.23 -2.61 -2.92
N GLY A 65 3.99 -3.48 -2.24
CA GLY A 65 5.04 -4.21 -2.94
C GLY A 65 5.19 -5.64 -2.43
N GLY A 66 5.94 -6.43 -3.17
CA GLY A 66 6.19 -7.83 -2.81
C GLY A 66 7.24 -7.93 -1.70
N SER A 67 8.13 -8.91 -1.82
CA SER A 67 9.18 -9.09 -0.82
C SER A 67 10.48 -9.58 -1.45
N ALA A 68 11.55 -8.83 -1.21
CA ALA A 68 12.86 -9.18 -1.75
C ALA A 68 13.97 -8.56 -0.91
N CYS A 69 14.33 -9.25 0.17
CA CYS A 69 15.38 -8.75 1.06
C CYS A 69 16.68 -9.51 0.84
N LEU A 70 16.56 -10.77 0.39
CA LEU A 70 17.75 -11.58 0.13
C LEU A 70 17.68 -12.19 -1.27
N GLN A 71 17.15 -11.41 -2.21
CA GLN A 71 17.04 -11.87 -3.59
C GLN A 71 17.54 -10.80 -4.56
N ALA A 72 18.67 -11.07 -5.19
CA ALA A 72 19.25 -10.13 -6.14
C ALA A 72 18.48 -10.15 -7.45
N GLY A 73 17.39 -9.40 -7.50
CA GLY A 73 16.56 -9.35 -8.71
C GLY A 73 15.86 -10.67 -8.95
N ALA A 74 15.19 -11.16 -7.91
CA ALA A 74 14.46 -12.42 -8.02
C ALA A 74 13.30 -12.45 -7.05
N TRP A 75 12.15 -11.93 -7.48
CA TRP A 75 10.98 -11.87 -6.62
C TRP A 75 9.75 -11.44 -7.40
N THR A 76 8.73 -10.92 -6.71
CA THR A 76 7.50 -10.51 -7.41
C THR A 76 6.87 -9.28 -6.76
N TRP A 77 5.80 -8.80 -7.37
CA TRP A 77 5.08 -7.63 -6.87
C TRP A 77 4.40 -7.96 -5.54
N SER A 78 3.49 -7.09 -5.12
CA SER A 78 2.77 -7.31 -3.86
C SER A 78 2.01 -8.63 -3.89
N ASP A 79 1.28 -8.86 -4.97
CA ASP A 79 0.50 -10.09 -5.11
C ASP A 79 0.26 -10.40 -6.59
N GLY A 80 1.22 -10.03 -7.42
CA GLY A 80 1.10 -10.27 -8.86
C GLY A 80 0.42 -9.10 -9.56
N THR A 81 0.63 -7.91 -9.02
CA THR A 81 0.04 -6.71 -9.60
C THR A 81 0.78 -6.33 -10.89
N PRO A 82 0.31 -5.29 -11.61
CA PRO A 82 0.96 -4.86 -12.86
C PRO A 82 2.22 -4.02 -12.60
N MET A 83 2.85 -3.57 -13.68
CA MET A 83 4.06 -2.76 -13.56
C MET A 83 3.83 -1.53 -12.67
N ASN A 84 3.18 -0.52 -13.23
CA ASN A 84 2.90 0.71 -12.47
C ASN A 84 1.61 1.36 -12.96
N PHE A 85 1.23 2.45 -12.30
CA PHE A 85 0.02 3.17 -12.67
C PHE A 85 0.31 4.15 -13.80
N ARG A 86 1.53 4.69 -13.80
CA ARG A 86 1.93 5.64 -14.83
C ARG A 86 3.45 5.85 -14.79
N SER A 87 4.05 5.98 -15.96
CA SER A 87 5.50 6.17 -16.04
C SER A 87 5.86 7.59 -15.59
N TRP A 88 5.65 7.86 -14.31
CA TRP A 88 5.96 9.17 -13.74
C TRP A 88 7.47 9.41 -13.75
N CYS A 89 8.19 8.64 -12.94
CA CYS A 89 9.65 8.79 -12.85
C CYS A 89 10.35 7.66 -13.60
N SER A 90 9.73 6.48 -13.61
CA SER A 90 10.31 5.33 -14.28
C SER A 90 11.65 4.96 -13.64
N THR A 91 11.58 4.18 -12.56
CA THR A 91 12.78 3.76 -11.85
C THR A 91 13.71 2.96 -12.77
N LYS A 92 14.79 2.45 -12.20
CA LYS A 92 15.76 1.65 -12.97
C LYS A 92 16.94 1.25 -12.09
N PRO A 93 17.61 2.23 -11.43
CA PRO A 93 18.76 1.92 -10.56
C PRO A 93 18.34 1.48 -9.16
N ASP A 94 19.29 1.48 -8.23
CA ASP A 94 19.02 1.08 -6.85
C ASP A 94 18.60 -0.39 -6.80
N ASP A 95 19.04 -1.07 -5.74
CA ASP A 95 18.71 -2.48 -5.57
C ASP A 95 19.30 -3.00 -4.26
N VAL A 96 19.36 -4.32 -4.11
CA VAL A 96 19.91 -4.93 -2.89
C VAL A 96 19.00 -4.56 -1.70
N LEU A 97 19.54 -4.55 -0.48
CA LEU A 97 18.74 -4.23 0.70
C LEU A 97 18.06 -2.87 0.57
N ALA A 98 18.60 -2.01 -0.31
CA ALA A 98 18.02 -0.68 -0.53
C ALA A 98 16.52 -0.76 -0.83
N ALA A 99 16.10 -1.90 -1.37
CA ALA A 99 14.68 -2.10 -1.68
C ALA A 99 14.26 -3.52 -1.30
N CYS A 100 13.10 -3.64 -0.65
CA CYS A 100 12.62 -4.95 -0.23
C CYS A 100 11.09 -4.99 -0.17
N CYS A 101 10.50 -3.94 0.38
CA CYS A 101 9.03 -3.89 0.49
C CYS A 101 8.41 -3.17 -0.69
N MET A 102 9.13 -2.20 -1.26
CA MET A 102 8.62 -1.45 -2.40
C MET A 102 7.36 -0.68 -2.02
N GLN A 103 7.19 0.51 -2.60
CA GLN A 103 6.01 1.33 -2.29
C GLN A 103 5.93 2.56 -3.19
N MET A 104 4.90 3.36 -2.95
CA MET A 104 4.70 4.58 -3.72
C MET A 104 4.46 5.74 -2.75
N THR A 105 5.50 6.56 -2.57
CA THR A 105 5.41 7.70 -1.66
C THR A 105 4.22 8.59 -2.00
N ALA A 106 4.11 9.74 -1.32
CA ALA A 106 2.96 10.63 -1.54
C ALA A 106 3.37 12.09 -1.81
N ALA A 107 4.39 12.31 -2.65
CA ALA A 107 4.79 13.69 -2.97
C ALA A 107 4.66 13.95 -4.45
N ALA A 108 4.70 15.22 -4.83
CA ALA A 108 4.61 15.59 -6.25
C ALA A 108 5.89 15.26 -7.00
N ASP A 109 6.93 14.85 -6.26
CA ASP A 109 8.19 14.48 -6.88
C ASP A 109 8.68 13.16 -6.28
N GLN A 110 7.79 12.45 -5.58
CA GLN A 110 8.15 11.20 -4.97
C GLN A 110 7.77 10.05 -5.89
N CYS A 111 6.60 10.21 -6.53
CA CYS A 111 6.06 9.20 -7.46
C CYS A 111 6.28 7.78 -6.93
N TRP A 112 6.18 6.78 -7.82
CA TRP A 112 6.36 5.39 -7.40
C TRP A 112 7.83 4.99 -7.49
N ASP A 113 8.28 4.19 -6.53
CA ASP A 113 9.67 3.73 -6.49
C ASP A 113 9.87 2.76 -5.33
N ASP A 114 10.77 1.80 -5.52
CA ASP A 114 11.05 0.81 -4.47
C ASP A 114 11.45 1.50 -3.17
N LEU A 115 11.46 0.73 -2.09
CA LEU A 115 11.82 1.28 -0.79
C LEU A 115 12.13 0.16 0.22
N PRO A 116 12.84 0.48 1.32
CA PRO A 116 13.16 -0.53 2.34
C PRO A 116 12.00 -0.74 3.31
N CYS A 117 11.75 -2.01 3.65
CA CYS A 117 10.64 -2.35 4.55
C CYS A 117 10.56 -1.43 5.77
N PRO A 118 11.68 -1.19 6.49
CA PRO A 118 11.65 -0.29 7.66
C PRO A 118 11.61 1.18 7.25
N ALA A 119 10.40 1.71 7.09
CA ALA A 119 10.23 3.10 6.72
C ALA A 119 8.80 3.51 7.03
N SER A 120 8.48 3.40 8.32
CA SER A 120 7.14 3.71 8.83
C SER A 120 6.52 4.92 8.13
N HIS A 121 5.63 4.63 7.20
CA HIS A 121 4.95 5.66 6.44
C HIS A 121 3.47 5.35 6.32
N LYS A 122 2.75 5.62 7.41
CA LYS A 122 1.31 5.39 7.47
C LYS A 122 0.94 4.00 6.99
N SER A 123 -0.36 3.72 6.97
CA SER A 123 -0.85 2.43 6.51
C SER A 123 -2.14 2.62 5.74
N VAL A 124 -2.36 1.74 4.77
CA VAL A 124 -3.56 1.83 3.95
C VAL A 124 -4.29 0.49 3.96
N CYS A 125 -5.51 0.50 4.48
CA CYS A 125 -6.31 -0.72 4.53
C CYS A 125 -7.59 -0.54 3.72
N ALA A 126 -7.86 -1.50 2.84
CA ALA A 126 -9.06 -1.46 2.01
C ALA A 126 -9.76 -2.81 2.04
N MET A 127 -11.07 -2.78 1.83
CA MET A 127 -11.87 -4.00 1.86
C MET A 127 -12.94 -3.96 0.78
N THR A 128 -13.41 -5.14 0.38
CA THR A 128 -14.45 -5.22 -0.64
C THR A 128 -15.32 -6.46 -0.41
N PHE A 129 -16.20 -6.73 -1.37
CA PHE A 129 -17.10 -7.89 -1.25
C PHE A 129 -16.86 -8.85 -2.41
N GLN A 1 -29.77 -11.99 16.85
CA GLN A 1 -28.38 -11.69 16.42
C GLN A 1 -28.39 -10.92 15.11
N ARG A 2 -27.57 -9.89 15.02
CA ARG A 2 -27.50 -9.07 13.82
C ARG A 2 -26.35 -9.53 12.93
N ALA A 3 -26.36 -9.08 11.68
CA ALA A 3 -25.30 -9.45 10.74
C ALA A 3 -25.37 -8.57 9.49
N GLY A 4 -24.23 -8.00 9.12
CA GLY A 4 -24.17 -7.15 7.94
C GLY A 4 -23.77 -7.95 6.70
N PRO A 5 -24.03 -7.42 5.49
CA PRO A 5 -23.67 -8.13 4.24
C PRO A 5 -22.21 -7.93 3.85
N ASN A 6 -21.80 -6.68 3.75
CA ASN A 6 -20.42 -6.36 3.38
C ASN A 6 -19.52 -6.40 4.62
N CYS A 7 -19.80 -5.52 5.57
CA CYS A 7 -19.01 -5.46 6.80
C CYS A 7 -19.93 -5.34 8.01
N PRO A 8 -19.52 -5.86 9.18
CA PRO A 8 -20.33 -5.79 10.40
C PRO A 8 -20.20 -4.45 11.12
N ALA A 9 -18.98 -4.12 11.52
CA ALA A 9 -18.73 -2.86 12.22
C ALA A 9 -18.86 -1.68 11.26
N GLY A 10 -18.55 -0.49 11.77
CA GLY A 10 -18.65 0.72 10.95
C GLY A 10 -17.72 0.63 9.75
N TRP A 11 -16.45 0.34 10.03
CA TRP A 11 -15.45 0.23 8.96
C TRP A 11 -15.31 1.56 8.22
N GLN A 12 -14.62 1.52 7.09
CA GLN A 12 -14.42 2.72 6.28
C GLN A 12 -14.67 2.40 4.80
N PRO A 13 -15.92 2.02 4.44
CA PRO A 13 -16.26 1.67 3.05
C PRO A 13 -16.52 2.89 2.18
N LEU A 14 -15.66 3.08 1.17
CA LEU A 14 -15.80 4.21 0.26
C LEU A 14 -17.11 4.13 -0.51
N GLY A 15 -17.25 3.10 -1.34
CA GLY A 15 -18.46 2.93 -2.14
C GLY A 15 -19.31 1.77 -1.63
N ASP A 16 -18.80 0.56 -1.81
CA ASP A 16 -19.51 -0.64 -1.39
C ASP A 16 -18.57 -1.61 -0.69
N ARG A 17 -17.35 -1.75 -1.20
CA ARG A 17 -16.37 -2.64 -0.60
C ARG A 17 -16.07 -2.17 0.83
N CYS A 18 -14.95 -2.61 1.38
CA CYS A 18 -14.57 -2.22 2.72
C CYS A 18 -13.08 -1.89 2.74
N ILE A 19 -12.76 -0.67 3.15
CA ILE A 19 -11.37 -0.23 3.19
C ILE A 19 -11.13 0.60 4.44
N TYR A 20 -9.85 0.76 4.78
CA TYR A 20 -9.49 1.52 5.97
C TYR A 20 -8.45 2.58 5.64
N TYR A 21 -8.03 3.30 6.69
CA TYR A 21 -7.03 4.36 6.55
C TYR A 21 -6.44 4.67 7.92
N GLU A 22 -5.19 5.11 7.95
CA GLU A 22 -4.55 5.42 9.22
C GLU A 22 -3.75 6.71 9.13
N THR A 23 -3.06 7.04 10.21
CA THR A 23 -2.26 8.25 10.27
C THR A 23 -0.92 8.00 10.96
N THR A 24 -0.97 7.23 12.06
CA THR A 24 0.26 6.91 12.80
C THR A 24 1.31 6.34 11.85
N ALA A 25 2.53 6.86 11.95
CA ALA A 25 3.60 6.42 11.07
C ALA A 25 3.86 4.91 11.21
N MET A 26 3.42 4.17 10.21
CA MET A 26 3.62 2.72 10.19
C MET A 26 4.32 2.34 8.91
N THR A 27 5.52 1.78 9.03
CA THR A 27 6.27 1.39 7.87
C THR A 27 5.65 0.17 7.21
N TRP A 28 5.72 -0.95 7.88
CA TRP A 28 5.23 -2.18 7.30
C TRP A 28 5.24 -3.29 8.34
N ALA A 29 6.35 -3.41 9.07
CA ALA A 29 6.47 -4.42 10.11
C ALA A 29 5.41 -4.16 11.19
N LEU A 30 5.09 -2.88 11.39
CA LEU A 30 4.09 -2.50 12.38
C LEU A 30 2.74 -2.23 11.71
N ALA A 31 2.79 -1.81 10.45
CA ALA A 31 1.56 -1.51 9.70
C ALA A 31 0.77 -2.79 9.41
N GLU A 32 1.28 -3.58 8.46
CA GLU A 32 0.61 -4.81 8.04
C GLU A 32 0.28 -5.74 9.21
N THR A 33 1.25 -5.93 10.11
CA THR A 33 1.04 -6.83 11.26
C THR A 33 -0.28 -6.52 11.97
N ASN A 34 -0.58 -5.24 12.12
CA ASN A 34 -1.82 -4.83 12.78
C ASN A 34 -3.02 -5.31 11.98
N CYS A 35 -3.06 -4.94 10.70
CA CYS A 35 -4.16 -5.35 9.82
C CYS A 35 -4.19 -6.86 9.62
N MET A 36 -3.11 -7.56 9.99
CA MET A 36 -3.04 -9.01 9.83
C MET A 36 -4.27 -9.69 10.45
N LYS A 37 -4.71 -9.15 11.59
CA LYS A 37 -5.88 -9.71 12.26
C LYS A 37 -7.15 -9.35 11.50
N LEU A 38 -7.34 -8.05 11.26
CA LEU A 38 -8.51 -7.58 10.55
C LEU A 38 -8.13 -6.43 9.61
N GLY A 39 -8.54 -6.55 8.35
CA GLY A 39 -8.23 -5.51 7.37
C GLY A 39 -7.69 -6.08 6.05
N GLY A 40 -7.53 -7.41 5.99
CA GLY A 40 -7.01 -8.04 4.79
C GLY A 40 -5.51 -7.80 4.65
N HIS A 41 -5.15 -6.80 3.87
CA HIS A 41 -3.74 -6.47 3.66
C HIS A 41 -3.61 -5.09 3.01
N LEU A 42 -2.38 -4.69 2.74
CA LEU A 42 -2.11 -3.38 2.10
C LEU A 42 -2.90 -3.25 0.80
N ALA A 43 -3.46 -2.07 0.57
CA ALA A 43 -4.24 -1.82 -0.64
C ALA A 43 -3.34 -1.34 -1.77
N SER A 44 -3.95 -1.12 -2.94
CA SER A 44 -3.20 -0.67 -4.11
C SER A 44 -4.13 -0.04 -5.15
N ILE A 45 -5.22 0.57 -4.65
CA ILE A 45 -6.23 1.23 -5.50
C ILE A 45 -6.59 0.39 -6.74
N HIS A 46 -7.45 0.96 -7.58
CA HIS A 46 -7.88 0.28 -8.79
C HIS A 46 -8.12 1.31 -9.89
N SER A 47 -9.23 2.03 -9.78
CA SER A 47 -9.56 3.06 -10.76
C SER A 47 -8.66 4.28 -10.56
N GLN A 48 -8.99 5.37 -11.24
CA GLN A 48 -8.21 6.59 -11.11
C GLN A 48 -8.71 7.42 -9.93
N GLU A 49 -10.01 7.32 -9.65
CA GLU A 49 -10.59 8.04 -8.53
C GLU A 49 -9.92 7.60 -7.24
N GLU A 50 -9.55 6.33 -7.17
CA GLU A 50 -8.88 5.81 -6.00
C GLU A 50 -7.53 6.50 -5.86
N HIS A 51 -6.93 6.84 -7.01
CA HIS A 51 -5.66 7.55 -6.99
C HIS A 51 -5.87 8.90 -6.31
N SER A 52 -7.01 9.53 -6.63
CA SER A 52 -7.37 10.80 -6.02
C SER A 52 -7.39 10.68 -4.50
N PHE A 53 -7.81 9.51 -4.03
CA PHE A 53 -7.88 9.28 -2.59
C PHE A 53 -6.50 9.36 -1.94
N ILE A 54 -5.51 8.74 -2.59
CA ILE A 54 -4.16 8.72 -2.05
C ILE A 54 -3.37 10.01 -2.31
N GLN A 55 -3.93 10.95 -3.08
CA GLN A 55 -3.21 12.19 -3.36
C GLN A 55 -3.91 13.40 -2.73
N THR A 56 -5.21 13.25 -2.43
CA THR A 56 -5.96 14.34 -1.82
C THR A 56 -5.54 14.50 -0.35
N LEU A 57 -5.20 13.38 0.27
CA LEU A 57 -4.78 13.40 1.68
C LEU A 57 -3.28 13.16 1.81
N ASN A 58 -2.74 12.40 0.85
CA ASN A 58 -1.31 12.10 0.85
C ASN A 58 -0.93 11.28 2.08
N ALA A 59 -0.77 11.94 3.23
CA ALA A 59 -0.41 11.24 4.47
C ALA A 59 0.82 10.35 4.26
N GLY A 60 1.98 11.00 4.08
CA GLY A 60 3.23 10.25 3.86
C GLY A 60 3.08 9.31 2.67
N VAL A 61 3.80 8.18 2.72
CA VAL A 61 3.73 7.22 1.63
C VAL A 61 2.56 6.25 1.89
N VAL A 62 2.19 5.50 0.87
CA VAL A 62 1.08 4.55 0.99
C VAL A 62 1.59 3.19 0.54
N TRP A 63 2.01 2.38 1.51
CA TRP A 63 2.58 1.06 1.24
C TRP A 63 1.66 0.18 0.41
N ILE A 64 2.30 -0.77 -0.29
CA ILE A 64 1.57 -1.71 -1.13
C ILE A 64 2.06 -3.14 -0.88
N GLY A 65 3.39 -3.32 -0.82
CA GLY A 65 3.96 -4.65 -0.59
C GLY A 65 5.33 -4.80 -1.24
N GLY A 66 5.69 -6.04 -1.56
CA GLY A 66 6.97 -6.34 -2.19
C GLY A 66 8.10 -6.35 -1.15
N SER A 67 8.95 -7.37 -1.20
CA SER A 67 10.05 -7.47 -0.24
C SER A 67 11.25 -8.21 -0.82
N ALA A 68 12.40 -7.54 -0.84
CA ALA A 68 13.62 -8.14 -1.37
C ALA A 68 14.86 -7.42 -0.83
N CYS A 69 15.68 -8.15 -0.07
CA CYS A 69 16.90 -7.57 0.50
C CYS A 69 18.10 -8.46 0.18
N LEU A 70 18.04 -9.15 -0.95
CA LEU A 70 19.13 -10.03 -1.35
C LEU A 70 19.55 -9.74 -2.79
N GLN A 71 18.56 -9.66 -3.67
CA GLN A 71 18.84 -9.39 -5.08
C GLN A 71 17.76 -8.49 -5.66
N ALA A 72 18.05 -7.89 -6.81
CA ALA A 72 17.09 -7.01 -7.47
C ALA A 72 16.36 -7.74 -8.59
N GLY A 73 16.16 -9.04 -8.40
CA GLY A 73 15.48 -9.85 -9.40
C GLY A 73 15.11 -11.22 -8.84
N ALA A 74 14.80 -11.26 -7.54
CA ALA A 74 14.42 -12.51 -6.89
C ALA A 74 13.34 -12.24 -5.86
N TRP A 75 12.19 -11.78 -6.33
CA TRP A 75 11.09 -11.47 -5.45
C TRP A 75 9.82 -11.13 -6.23
N THR A 76 8.84 -10.53 -5.57
CA THR A 76 7.59 -10.21 -6.24
C THR A 76 6.98 -8.92 -5.71
N TRP A 77 5.80 -8.60 -6.25
CA TRP A 77 5.09 -7.40 -5.83
C TRP A 77 4.32 -7.69 -4.53
N SER A 78 3.34 -6.86 -4.22
CA SER A 78 2.55 -7.05 -3.00
C SER A 78 1.89 -8.42 -2.98
N ASP A 79 1.28 -8.80 -4.10
CA ASP A 79 0.61 -10.09 -4.19
C ASP A 79 0.54 -10.55 -5.65
N GLY A 80 1.57 -10.22 -6.41
CA GLY A 80 1.62 -10.60 -7.82
C GLY A 80 0.81 -9.63 -8.67
N THR A 81 1.46 -9.12 -9.72
CA THR A 81 0.80 -8.17 -10.61
C THR A 81 1.74 -7.77 -11.75
N PRO A 82 1.21 -7.46 -12.95
CA PRO A 82 2.05 -7.05 -14.10
C PRO A 82 2.38 -5.55 -14.11
N MET A 83 2.64 -4.98 -12.93
CA MET A 83 2.97 -3.57 -12.85
C MET A 83 1.84 -2.71 -13.41
N ASN A 84 1.11 -2.04 -12.52
CA ASN A 84 0.01 -1.17 -12.94
C ASN A 84 0.27 0.26 -12.50
N PHE A 85 -0.40 1.21 -13.15
CA PHE A 85 -0.23 2.62 -12.82
C PHE A 85 1.23 3.04 -13.01
N ARG A 86 1.55 3.45 -14.23
CA ARG A 86 2.93 3.85 -14.53
C ARG A 86 2.99 5.35 -14.92
N SER A 87 4.04 5.73 -15.69
CA SER A 87 4.26 7.13 -16.13
C SER A 87 5.12 7.90 -15.12
N TRP A 88 5.24 7.34 -13.91
CA TRP A 88 6.03 7.96 -12.84
C TRP A 88 7.49 8.17 -13.31
N CYS A 89 8.36 8.49 -12.35
CA CYS A 89 9.78 8.70 -12.65
C CYS A 89 10.38 7.45 -13.28
N SER A 90 11.69 7.49 -13.50
CA SER A 90 12.39 6.35 -14.09
C SER A 90 13.66 6.03 -13.31
N THR A 91 13.61 4.93 -12.56
CA THR A 91 14.76 4.50 -11.75
C THR A 91 14.63 3.03 -11.38
N LYS A 92 15.78 2.41 -11.07
CA LYS A 92 15.79 1.00 -10.70
C LYS A 92 17.23 0.51 -10.49
N PRO A 93 18.13 0.71 -11.47
CA PRO A 93 19.53 0.26 -11.34
C PRO A 93 20.40 1.27 -10.59
N ASP A 94 20.06 1.53 -9.33
CA ASP A 94 20.82 2.47 -8.52
C ASP A 94 20.45 2.34 -7.04
N ASP A 95 20.11 1.11 -6.64
CA ASP A 95 19.74 0.87 -5.25
C ASP A 95 19.95 -0.60 -4.88
N VAL A 96 19.04 -1.46 -5.33
CA VAL A 96 19.13 -2.89 -5.05
C VAL A 96 19.03 -3.13 -3.54
N LEU A 97 20.15 -3.00 -2.83
CA LEU A 97 20.16 -3.20 -1.39
C LEU A 97 19.57 -1.97 -0.68
N ALA A 98 19.71 -0.81 -1.31
CA ALA A 98 19.20 0.44 -0.75
C ALA A 98 17.67 0.45 -0.72
N ALA A 99 17.03 -0.51 -1.40
CA ALA A 99 15.58 -0.57 -1.43
C ALA A 99 15.10 -2.01 -1.25
N CYS A 100 14.13 -2.19 -0.37
CA CYS A 100 13.60 -3.53 -0.10
C CYS A 100 12.08 -3.52 -0.23
N CYS A 101 11.45 -2.59 0.46
CA CYS A 101 10.00 -2.48 0.40
C CYS A 101 9.61 -1.44 -0.63
N MET A 102 9.45 -1.90 -1.88
CA MET A 102 9.08 -0.98 -2.97
C MET A 102 7.79 -0.26 -2.63
N GLN A 103 7.84 1.07 -2.66
CA GLN A 103 6.66 1.86 -2.33
C GLN A 103 6.44 2.97 -3.39
N MET A 104 5.95 4.16 -2.98
CA MET A 104 5.72 5.24 -3.91
C MET A 104 6.30 6.56 -3.41
N THR A 105 7.25 6.48 -2.47
CA THR A 105 7.92 7.66 -1.88
C THR A 105 7.01 8.90 -1.82
N ALA A 106 5.81 8.71 -1.26
CA ALA A 106 4.81 9.79 -1.14
C ALA A 106 4.04 9.96 -2.44
N ALA A 107 4.76 10.18 -3.54
CA ALA A 107 4.12 10.36 -4.86
C ALA A 107 3.49 11.73 -4.96
N ALA A 108 2.79 11.98 -6.07
CA ALA A 108 2.14 13.27 -6.31
C ALA A 108 3.19 14.31 -6.68
N ASP A 109 4.17 14.47 -5.80
CA ASP A 109 5.26 15.38 -6.04
C ASP A 109 6.58 14.63 -5.83
N GLN A 110 6.48 13.30 -5.62
CA GLN A 110 7.65 12.49 -5.40
C GLN A 110 7.60 11.19 -6.24
N CYS A 111 6.55 11.05 -7.08
CA CYS A 111 6.38 9.86 -7.94
C CYS A 111 6.72 8.56 -7.18
N TRP A 112 6.86 7.47 -7.92
CA TRP A 112 7.16 6.17 -7.32
C TRP A 112 8.66 5.97 -7.16
N ASP A 113 9.03 5.03 -6.29
CA ASP A 113 10.44 4.75 -6.04
C ASP A 113 10.58 3.66 -4.99
N ASP A 114 11.55 2.77 -5.20
CA ASP A 114 11.78 1.67 -4.25
C ASP A 114 12.18 2.24 -2.89
N LEU A 115 11.67 1.63 -1.83
CA LEU A 115 11.99 2.11 -0.48
C LEU A 115 12.76 1.03 0.28
N PRO A 116 13.64 1.42 1.21
CA PRO A 116 14.41 0.44 1.99
C PRO A 116 13.56 -0.26 3.06
N CYS A 117 12.32 0.27 3.26
CA CYS A 117 11.32 -0.24 4.22
C CYS A 117 11.17 0.65 5.47
N PRO A 118 12.25 1.15 6.10
CA PRO A 118 12.11 2.02 7.29
C PRO A 118 11.78 3.46 6.94
N ALA A 119 10.52 3.68 6.58
CA ALA A 119 10.02 5.02 6.24
C ALA A 119 8.62 5.14 6.82
N SER A 120 8.53 4.73 8.08
CA SER A 120 7.27 4.70 8.83
C SER A 120 6.31 5.81 8.47
N HIS A 121 5.48 5.56 7.47
CA HIS A 121 4.50 6.53 7.05
C HIS A 121 3.09 5.97 7.23
N LYS A 122 2.10 6.78 6.84
CA LYS A 122 0.69 6.37 6.95
C LYS A 122 0.48 4.94 6.46
N SER A 123 -0.51 4.26 7.03
CA SER A 123 -0.77 2.88 6.64
C SER A 123 -2.03 2.79 5.79
N VAL A 124 -2.06 1.81 4.91
CA VAL A 124 -3.20 1.63 4.03
C VAL A 124 -3.73 0.19 4.11
N CYS A 125 -5.00 0.06 4.45
CA CYS A 125 -5.60 -1.27 4.55
C CYS A 125 -6.90 -1.32 3.77
N ALA A 126 -7.09 -2.38 2.98
CA ALA A 126 -8.30 -2.53 2.18
C ALA A 126 -8.87 -3.93 2.36
N MET A 127 -10.15 -4.07 2.01
CA MET A 127 -10.83 -5.36 2.13
C MET A 127 -11.89 -5.49 1.05
N THR A 128 -12.24 -6.74 0.73
CA THR A 128 -13.25 -6.99 -0.29
C THR A 128 -14.01 -8.27 0.02
N PHE A 129 -15.04 -8.54 -0.78
CA PHE A 129 -15.85 -9.74 -0.60
C PHE A 129 -15.80 -10.62 -1.83
N GLN A 1 -23.10 -21.28 4.12
CA GLN A 1 -23.68 -21.33 5.50
C GLN A 1 -23.30 -20.06 6.26
N ARG A 2 -22.00 -19.86 6.43
CA ARG A 2 -21.51 -18.68 7.15
C ARG A 2 -20.74 -17.77 6.20
N ALA A 3 -21.18 -17.74 4.94
CA ALA A 3 -20.53 -16.90 3.93
C ALA A 3 -21.31 -15.61 3.75
N GLY A 4 -20.69 -14.49 4.14
CA GLY A 4 -21.33 -13.19 4.01
C GLY A 4 -20.78 -12.22 5.06
N PRO A 5 -19.71 -11.47 4.72
CA PRO A 5 -19.12 -10.50 5.66
C PRO A 5 -19.86 -9.17 5.68
N ASN A 6 -20.08 -8.65 6.89
CA ASN A 6 -20.78 -7.38 7.03
C ASN A 6 -19.79 -6.25 7.31
N CYS A 7 -19.94 -5.16 6.56
CA CYS A 7 -19.05 -4.01 6.72
C CYS A 7 -19.85 -2.71 6.63
N PRO A 8 -20.76 -2.45 7.58
CA PRO A 8 -21.58 -1.23 7.58
C PRO A 8 -20.84 -0.03 8.19
N ALA A 9 -20.00 0.60 7.38
CA ALA A 9 -19.23 1.75 7.84
C ALA A 9 -18.33 1.37 9.01
N GLY A 10 -17.86 0.13 8.98
CA GLY A 10 -16.99 -0.37 10.05
C GLY A 10 -15.55 0.09 9.84
N TRP A 11 -15.17 0.26 8.57
CA TRP A 11 -13.82 0.71 8.25
C TRP A 11 -13.79 2.21 7.99
N GLN A 12 -14.60 2.66 7.05
CA GLN A 12 -14.68 4.08 6.73
C GLN A 12 -16.15 4.51 6.60
N PRO A 13 -16.43 5.81 6.39
CA PRO A 13 -17.82 6.29 6.27
C PRO A 13 -18.43 6.06 4.89
N LEU A 14 -17.63 5.57 3.94
CA LEU A 14 -18.14 5.31 2.59
C LEU A 14 -19.26 4.28 2.62
N GLY A 15 -20.21 4.42 1.71
CA GLY A 15 -21.34 3.49 1.66
C GLY A 15 -21.31 2.67 0.37
N ASP A 16 -20.23 1.93 0.20
CA ASP A 16 -20.05 1.08 -0.97
C ASP A 16 -19.03 -0.01 -0.67
N ARG A 17 -17.95 0.39 -0.01
CA ARG A 17 -16.88 -0.53 0.36
C ARG A 17 -16.41 -0.21 1.77
N CYS A 18 -15.21 -0.68 2.13
CA CYS A 18 -14.66 -0.42 3.44
C CYS A 18 -13.18 -0.07 3.29
N ILE A 19 -12.76 0.99 3.97
CA ILE A 19 -11.36 1.40 3.85
C ILE A 19 -10.91 2.11 5.14
N TYR A 20 -9.60 2.18 5.32
CA TYR A 20 -9.03 2.83 6.49
C TYR A 20 -7.93 3.80 6.07
N TYR A 21 -7.35 4.46 7.06
CA TYR A 21 -6.28 5.42 6.80
C TYR A 21 -5.56 5.78 8.09
N GLU A 22 -4.33 6.27 7.95
CA GLU A 22 -3.55 6.64 9.13
C GLU A 22 -2.79 7.95 8.89
N THR A 23 -2.28 8.51 9.97
CA THR A 23 -1.52 9.76 9.87
C THR A 23 -0.30 9.72 10.80
N THR A 24 0.23 8.52 11.00
CA THR A 24 1.40 8.35 11.85
C THR A 24 2.44 7.52 11.11
N ALA A 25 3.72 7.80 11.36
CA ALA A 25 4.78 7.09 10.68
C ALA A 25 4.74 5.59 11.01
N MET A 26 3.99 4.85 10.21
CA MET A 26 3.89 3.41 10.39
C MET A 26 4.04 2.73 9.04
N THR A 27 5.23 2.25 8.80
CA THR A 27 5.56 1.60 7.56
C THR A 27 4.92 0.22 7.46
N TRP A 28 5.16 -0.40 6.31
CA TRP A 28 4.72 -1.77 5.98
C TRP A 28 4.61 -2.66 7.23
N ALA A 29 5.72 -2.78 7.96
CA ALA A 29 5.77 -3.60 9.16
C ALA A 29 4.67 -3.20 10.14
N LEU A 30 4.55 -1.90 10.40
CA LEU A 30 3.53 -1.42 11.32
C LEU A 30 2.15 -1.49 10.69
N ALA A 31 2.07 -1.18 9.40
CA ALA A 31 0.79 -1.21 8.68
C ALA A 31 0.26 -2.63 8.55
N GLU A 32 1.03 -3.47 7.82
CA GLU A 32 0.64 -4.86 7.58
C GLU A 32 0.19 -5.56 8.88
N THR A 33 0.89 -5.28 9.97
CA THR A 33 0.56 -5.89 11.25
C THR A 33 -0.87 -5.53 11.66
N ASN A 34 -1.10 -4.25 11.90
CA ASN A 34 -2.44 -3.80 12.29
C ASN A 34 -3.46 -4.09 11.19
N CYS A 35 -3.04 -3.94 9.95
CA CYS A 35 -3.92 -4.18 8.81
C CYS A 35 -4.32 -5.65 8.74
N MET A 36 -3.33 -6.52 8.59
CA MET A 36 -3.58 -7.95 8.49
C MET A 36 -4.32 -8.47 9.73
N LYS A 37 -3.83 -8.07 10.90
CA LYS A 37 -4.45 -8.49 12.16
C LYS A 37 -5.93 -8.09 12.22
N LEU A 38 -6.29 -7.06 11.46
CA LEU A 38 -7.68 -6.59 11.43
C LEU A 38 -8.45 -7.30 10.33
N GLY A 39 -7.76 -7.60 9.24
CA GLY A 39 -8.39 -8.28 8.11
C GLY A 39 -8.43 -7.36 6.89
N GLY A 40 -7.72 -7.76 5.84
CA GLY A 40 -7.68 -6.96 4.61
C GLY A 40 -6.29 -7.00 4.00
N HIS A 41 -5.77 -5.82 3.65
CA HIS A 41 -4.44 -5.73 3.05
C HIS A 41 -4.07 -4.28 2.77
N LEU A 42 -2.90 -4.08 2.19
CA LEU A 42 -2.43 -2.73 1.86
C LEU A 42 -3.39 -2.07 0.88
N ALA A 43 -3.10 -0.81 0.55
CA ALA A 43 -3.96 -0.06 -0.38
C ALA A 43 -3.95 -0.73 -1.76
N SER A 44 -4.85 -1.69 -1.94
CA SER A 44 -4.96 -2.40 -3.21
C SER A 44 -6.12 -1.84 -4.03
N ILE A 45 -5.85 -0.73 -4.72
CA ILE A 45 -6.88 -0.10 -5.54
C ILE A 45 -6.32 0.21 -6.93
N HIS A 46 -7.23 0.44 -7.88
CA HIS A 46 -6.83 0.73 -9.26
C HIS A 46 -7.29 2.13 -9.68
N SER A 47 -8.44 2.56 -9.15
CA SER A 47 -8.97 3.87 -9.48
C SER A 47 -7.99 4.98 -9.07
N GLN A 48 -7.57 5.76 -10.06
CA GLN A 48 -6.62 6.84 -9.80
C GLN A 48 -7.21 7.86 -8.83
N GLU A 49 -8.54 8.00 -8.85
CA GLU A 49 -9.20 8.94 -7.96
C GLU A 49 -8.91 8.59 -6.51
N GLU A 50 -8.77 7.29 -6.25
CA GLU A 50 -8.45 6.84 -4.90
C GLU A 50 -7.05 7.32 -4.54
N HIS A 51 -6.18 7.42 -5.55
CA HIS A 51 -4.84 7.91 -5.32
C HIS A 51 -4.93 9.36 -4.85
N SER A 52 -5.83 10.11 -5.51
CA SER A 52 -6.05 11.51 -5.15
C SER A 52 -6.43 11.61 -3.67
N PHE A 53 -7.23 10.64 -3.20
CA PHE A 53 -7.66 10.62 -1.81
C PHE A 53 -6.46 10.64 -0.86
N ILE A 54 -5.31 10.20 -1.34
CA ILE A 54 -4.09 10.16 -0.53
C ILE A 54 -3.46 11.55 -0.41
N GLN A 55 -3.11 12.14 -1.55
CA GLN A 55 -2.46 13.44 -1.58
C GLN A 55 -3.47 14.57 -1.40
N THR A 56 -4.58 14.50 -2.13
CA THR A 56 -5.62 15.53 -2.05
C THR A 56 -6.04 15.77 -0.59
N LEU A 57 -5.86 14.75 0.24
CA LEU A 57 -6.22 14.87 1.65
C LEU A 57 -4.98 15.22 2.48
N ASN A 58 -4.15 14.20 2.75
CA ASN A 58 -2.91 14.39 3.52
C ASN A 58 -2.41 13.05 4.04
N ALA A 59 -1.34 12.54 3.43
CA ALA A 59 -0.78 11.26 3.84
C ALA A 59 0.71 11.19 3.53
N GLY A 60 1.39 10.24 4.18
CA GLY A 60 2.81 10.04 3.96
C GLY A 60 3.05 9.29 2.67
N VAL A 61 3.61 8.07 2.78
CA VAL A 61 3.85 7.28 1.59
C VAL A 61 2.63 6.39 1.28
N VAL A 62 2.76 5.58 0.24
CA VAL A 62 1.69 4.67 -0.15
C VAL A 62 2.29 3.28 -0.33
N TRP A 63 2.57 2.62 0.80
CA TRP A 63 3.16 1.29 0.76
C TRP A 63 2.28 0.33 -0.04
N ILE A 64 2.91 -0.54 -0.81
CA ILE A 64 2.17 -1.49 -1.63
C ILE A 64 3.03 -2.71 -1.97
N GLY A 65 4.29 -2.45 -2.34
CA GLY A 65 5.21 -3.53 -2.70
C GLY A 65 5.29 -4.59 -1.61
N GLY A 66 5.43 -5.85 -2.04
CA GLY A 66 5.52 -6.96 -1.10
C GLY A 66 6.78 -6.83 -0.25
N SER A 67 7.64 -7.83 -0.30
CA SER A 67 8.88 -7.80 0.48
C SER A 67 9.92 -8.73 -0.10
N ALA A 68 11.02 -8.16 -0.57
CA ALA A 68 12.10 -8.96 -1.17
C ALA A 68 13.43 -8.23 -1.09
N CYS A 69 14.44 -8.92 -0.58
CA CYS A 69 15.79 -8.35 -0.46
C CYS A 69 16.80 -9.46 -0.22
N LEU A 70 16.54 -10.61 -0.83
CA LEU A 70 17.44 -11.76 -0.69
C LEU A 70 17.82 -12.32 -2.06
N GLN A 71 16.82 -12.44 -2.93
CA GLN A 71 17.04 -12.96 -4.28
C GLN A 71 16.42 -12.03 -5.32
N ALA A 72 16.53 -12.42 -6.58
CA ALA A 72 15.98 -11.60 -7.66
C ALA A 72 14.82 -12.34 -8.33
N GLY A 73 13.63 -11.76 -8.22
CA GLY A 73 12.44 -12.35 -8.83
C GLY A 73 11.91 -13.50 -7.97
N ALA A 74 11.63 -13.21 -6.70
CA ALA A 74 11.12 -14.23 -5.79
C ALA A 74 10.28 -13.58 -4.70
N TRP A 75 9.15 -13.00 -5.12
CA TRP A 75 8.25 -12.33 -4.17
C TRP A 75 6.95 -11.91 -4.84
N THR A 76 6.20 -11.02 -4.18
CA THR A 76 4.92 -10.60 -4.75
C THR A 76 4.60 -9.14 -4.43
N TRP A 77 3.40 -8.74 -4.87
CA TRP A 77 2.90 -7.38 -4.66
C TRP A 77 2.00 -7.37 -3.41
N SER A 78 1.29 -6.26 -3.18
CA SER A 78 0.40 -6.15 -2.02
C SER A 78 -0.57 -7.34 -1.97
N ASP A 79 -0.83 -7.94 -3.14
CA ASP A 79 -1.74 -9.08 -3.20
C ASP A 79 -1.13 -10.22 -4.03
N GLY A 80 -0.17 -9.91 -4.90
CA GLY A 80 0.47 -10.94 -5.71
C GLY A 80 0.08 -10.84 -7.18
N THR A 81 -1.10 -11.36 -7.49
CA THR A 81 -1.60 -11.35 -8.88
C THR A 81 -1.74 -9.92 -9.43
N PRO A 82 -2.43 -9.02 -8.71
CA PRO A 82 -2.61 -7.64 -9.19
C PRO A 82 -1.38 -6.76 -8.96
N MET A 83 -0.87 -6.18 -10.04
CA MET A 83 0.30 -5.31 -9.94
C MET A 83 0.27 -4.26 -11.04
N ASN A 84 -0.55 -3.23 -10.84
CA ASN A 84 -0.67 -2.16 -11.84
C ASN A 84 -0.30 -0.80 -11.21
N PHE A 85 -1.29 -0.14 -10.57
CA PHE A 85 -1.04 1.16 -9.94
C PHE A 85 -0.41 2.14 -10.93
N ARG A 86 0.07 3.27 -10.41
CA ARG A 86 0.69 4.28 -11.27
C ARG A 86 2.14 3.90 -11.57
N SER A 87 2.47 3.88 -12.86
CA SER A 87 3.82 3.54 -13.28
C SER A 87 4.53 4.77 -13.84
N TRP A 88 4.81 5.72 -12.96
CA TRP A 88 5.48 6.96 -13.37
C TRP A 88 6.86 6.65 -13.95
N CYS A 89 7.58 5.75 -13.29
CA CYS A 89 8.92 5.38 -13.75
C CYS A 89 9.24 3.94 -13.33
N SER A 90 10.33 3.42 -13.87
CA SER A 90 10.75 2.05 -13.55
C SER A 90 12.11 1.74 -14.16
N THR A 91 12.98 2.75 -14.17
CA THR A 91 14.32 2.58 -14.74
C THR A 91 15.37 2.64 -13.64
N LYS A 92 15.60 1.50 -12.97
CA LYS A 92 16.57 1.44 -11.90
C LYS A 92 17.12 0.01 -11.76
N PRO A 93 18.19 -0.34 -12.50
CA PRO A 93 18.78 -1.68 -12.44
C PRO A 93 19.72 -1.86 -11.25
N ASP A 94 20.29 -0.74 -10.78
CA ASP A 94 21.21 -0.79 -9.65
C ASP A 94 20.46 -0.55 -8.34
N ASP A 95 19.39 -1.31 -8.15
CA ASP A 95 18.58 -1.17 -6.93
C ASP A 95 17.85 -2.48 -6.63
N VAL A 96 18.50 -3.35 -5.88
CA VAL A 96 17.91 -4.63 -5.52
C VAL A 96 17.83 -4.77 -4.00
N LEU A 97 19.01 -4.87 -3.38
CA LEU A 97 19.06 -5.02 -1.92
C LEU A 97 18.81 -3.67 -1.23
N ALA A 98 19.14 -2.58 -1.94
CA ALA A 98 18.94 -1.24 -1.39
C ALA A 98 17.46 -0.96 -1.14
N ALA A 99 16.58 -1.74 -1.78
CA ALA A 99 15.14 -1.55 -1.61
C ALA A 99 14.44 -2.90 -1.47
N CYS A 100 13.48 -2.96 -0.54
CA CYS A 100 12.74 -4.20 -0.30
C CYS A 100 11.25 -4.01 -0.56
N CYS A 101 10.78 -2.77 -0.54
CA CYS A 101 9.36 -2.51 -0.76
C CYS A 101 9.17 -1.37 -1.75
N MET A 102 8.48 -1.66 -2.86
CA MET A 102 8.24 -0.65 -3.88
C MET A 102 7.04 0.20 -3.49
N GLN A 103 7.29 1.49 -3.25
CA GLN A 103 6.22 2.40 -2.87
C GLN A 103 6.33 3.72 -3.62
N MET A 104 5.42 4.64 -3.29
CA MET A 104 5.42 5.96 -3.90
C MET A 104 5.68 7.01 -2.82
N THR A 105 6.97 7.29 -2.59
CA THR A 105 7.41 8.27 -1.56
C THR A 105 6.45 9.43 -1.39
N ALA A 106 5.81 9.84 -2.50
CA ALA A 106 4.84 10.94 -2.46
C ALA A 106 5.53 12.30 -2.37
N ALA A 107 6.69 12.43 -3.02
CA ALA A 107 7.41 13.71 -3.00
C ALA A 107 7.05 14.57 -4.21
N ALA A 108 6.46 13.93 -5.24
CA ALA A 108 6.09 14.59 -6.51
C ALA A 108 7.22 14.42 -7.52
N ASP A 109 8.45 14.40 -7.00
CA ASP A 109 9.62 14.18 -7.82
C ASP A 109 10.34 12.93 -7.31
N GLN A 110 9.76 12.27 -6.28
CA GLN A 110 10.36 11.07 -5.74
C GLN A 110 10.16 9.92 -6.70
N CYS A 111 9.00 9.95 -7.39
CA CYS A 111 8.66 8.91 -8.37
C CYS A 111 8.13 7.65 -7.68
N TRP A 112 7.64 6.71 -8.50
CA TRP A 112 7.09 5.45 -8.00
C TRP A 112 8.09 4.31 -8.22
N ASP A 113 7.85 3.19 -7.52
CA ASP A 113 8.70 1.99 -7.61
C ASP A 113 9.92 2.09 -6.71
N ASP A 114 10.29 0.95 -6.13
CA ASP A 114 11.44 0.88 -5.22
C ASP A 114 11.23 1.79 -4.03
N LEU A 115 12.06 1.55 -2.98
CA LEU A 115 12.07 2.30 -1.70
C LEU A 115 12.32 1.31 -0.56
N PRO A 116 12.98 1.72 0.54
CA PRO A 116 13.26 0.80 1.65
C PRO A 116 12.06 0.67 2.58
N CYS A 117 11.56 -0.56 2.67
CA CYS A 117 10.38 -0.87 3.51
C CYS A 117 10.43 -0.16 4.87
N PRO A 118 11.53 -0.29 5.62
CA PRO A 118 11.64 0.36 6.94
C PRO A 118 11.96 1.85 6.88
N ALA A 119 10.93 2.66 6.64
CA ALA A 119 11.13 4.11 6.57
C ALA A 119 9.93 4.86 7.17
N SER A 120 9.06 4.13 7.89
CA SER A 120 7.87 4.68 8.54
C SER A 120 7.28 5.89 7.79
N HIS A 121 6.27 5.63 6.99
CA HIS A 121 5.62 6.69 6.24
C HIS A 121 4.13 6.40 6.08
N LYS A 122 3.37 6.80 7.10
CA LYS A 122 1.91 6.62 7.11
C LYS A 122 1.52 5.20 6.66
N SER A 123 0.24 5.00 6.41
CA SER A 123 -0.25 3.69 5.97
C SER A 123 -1.59 3.85 5.25
N VAL A 124 -1.77 3.04 4.22
CA VAL A 124 -3.00 3.07 3.45
C VAL A 124 -3.57 1.66 3.29
N CYS A 125 -4.67 1.40 4.00
CA CYS A 125 -5.30 0.08 3.95
C CYS A 125 -6.72 0.20 3.44
N ALA A 126 -7.13 -0.75 2.60
CA ALA A 126 -8.48 -0.74 2.04
C ALA A 126 -9.12 -2.12 2.16
N MET A 127 -10.44 -2.17 1.96
CA MET A 127 -11.18 -3.42 2.06
C MET A 127 -12.30 -3.46 1.03
N THR A 128 -12.70 -4.66 0.65
CA THR A 128 -13.77 -4.82 -0.33
C THR A 128 -14.55 -6.11 -0.06
N PHE A 129 -15.76 -6.18 -0.62
CA PHE A 129 -16.60 -7.36 -0.45
C PHE A 129 -17.55 -7.52 -1.63
N GLN A 1 -17.02 -16.78 2.63
CA GLN A 1 -16.42 -17.67 1.60
C GLN A 1 -14.90 -17.60 1.67
N ARG A 2 -14.38 -17.44 2.89
CA ARG A 2 -12.94 -17.35 3.09
C ARG A 2 -12.37 -16.16 2.33
N ALA A 3 -12.34 -15.01 3.00
CA ALA A 3 -11.81 -13.79 2.39
C ALA A 3 -11.64 -12.69 3.43
N GLY A 4 -12.76 -12.25 3.99
CA GLY A 4 -12.74 -11.21 5.01
C GLY A 4 -14.11 -11.05 5.66
N PRO A 5 -14.36 -9.93 6.36
CA PRO A 5 -15.65 -9.71 7.03
C PRO A 5 -16.72 -9.17 6.08
N ASN A 6 -17.87 -8.82 6.64
CA ASN A 6 -18.97 -8.31 5.82
C ASN A 6 -18.85 -6.80 5.65
N CYS A 7 -18.25 -6.14 6.64
CA CYS A 7 -18.07 -4.69 6.59
C CYS A 7 -19.44 -3.99 6.48
N PRO A 8 -20.32 -4.15 7.48
CA PRO A 8 -21.65 -3.51 7.46
C PRO A 8 -21.62 -2.05 7.94
N ALA A 9 -21.43 -1.87 9.24
CA ALA A 9 -21.38 -0.52 9.80
C ALA A 9 -20.34 -0.45 10.91
N GLY A 10 -19.29 -1.26 10.79
CA GLY A 10 -18.23 -1.28 11.79
C GLY A 10 -16.88 -0.94 11.15
N TRP A 11 -16.92 -0.14 10.09
CA TRP A 11 -15.71 0.26 9.40
C TRP A 11 -15.89 1.68 8.84
N GLN A 12 -15.12 2.04 7.79
CA GLN A 12 -15.24 3.39 7.24
C GLN A 12 -15.30 3.35 5.70
N PRO A 13 -16.40 2.83 5.13
CA PRO A 13 -16.57 2.75 3.67
C PRO A 13 -17.14 4.04 3.07
N LEU A 14 -16.25 4.87 2.53
CA LEU A 14 -16.69 6.13 1.90
C LEU A 14 -17.61 5.83 0.72
N GLY A 15 -17.08 5.08 -0.24
CA GLY A 15 -17.84 4.71 -1.43
C GLY A 15 -17.01 3.82 -2.34
N ASP A 16 -16.25 2.92 -1.71
CA ASP A 16 -15.41 1.98 -2.45
C ASP A 16 -15.21 0.74 -1.60
N ARG A 17 -16.29 -0.04 -1.45
CA ARG A 17 -16.25 -1.25 -0.63
C ARG A 17 -16.04 -0.88 0.83
N CYS A 18 -14.79 -0.77 1.24
CA CYS A 18 -14.46 -0.40 2.61
C CYS A 18 -13.03 0.12 2.65
N ILE A 19 -12.78 1.13 3.48
CA ILE A 19 -11.44 1.68 3.57
C ILE A 19 -11.24 2.40 4.90
N TYR A 20 -9.99 2.58 5.28
CA TYR A 20 -9.65 3.24 6.53
C TYR A 20 -8.53 4.25 6.31
N TYR A 21 -7.94 4.71 7.40
CA TYR A 21 -6.84 5.68 7.33
C TYR A 21 -6.13 5.75 8.68
N GLU A 22 -4.87 6.14 8.64
CA GLU A 22 -4.07 6.25 9.86
C GLU A 22 -3.23 7.53 9.81
N THR A 23 -2.50 7.78 10.90
CA THR A 23 -1.67 8.98 10.97
C THR A 23 -0.33 8.67 11.63
N THR A 24 -0.37 7.93 12.74
CA THR A 24 0.84 7.56 13.45
C THR A 24 1.77 6.77 12.52
N ALA A 25 3.04 7.14 12.50
CA ALA A 25 3.99 6.47 11.62
C ALA A 25 4.06 4.97 11.92
N MET A 26 3.81 4.19 10.87
CA MET A 26 3.86 2.73 10.98
C MET A 26 4.02 2.16 9.59
N THR A 27 5.21 1.69 9.30
CA THR A 27 5.50 1.14 8.01
C THR A 27 4.83 -0.23 7.84
N TRP A 28 4.88 -0.68 6.59
CA TRP A 28 4.36 -1.99 6.15
C TRP A 28 4.15 -2.99 7.30
N ALA A 29 5.22 -3.22 8.06
CA ALA A 29 5.16 -4.15 9.18
C ALA A 29 4.17 -3.67 10.23
N LEU A 30 4.43 -2.49 10.79
CA LEU A 30 3.55 -1.93 11.82
C LEU A 30 2.16 -1.68 11.25
N ALA A 31 2.11 -1.25 10.00
CA ALA A 31 0.83 -0.96 9.34
C ALA A 31 0.05 -2.26 9.13
N GLU A 32 0.66 -3.18 8.39
CA GLU A 32 0.02 -4.47 8.10
C GLU A 32 -0.46 -5.15 9.38
N THR A 33 0.24 -4.88 10.49
CA THR A 33 -0.13 -5.46 11.78
C THR A 33 -1.55 -5.02 12.16
N ASN A 34 -1.70 -3.73 12.44
CA ASN A 34 -3.01 -3.20 12.81
C ASN A 34 -4.01 -3.38 11.66
N CYS A 35 -3.49 -3.31 10.43
CA CYS A 35 -4.34 -3.46 9.25
C CYS A 35 -4.93 -4.86 9.18
N MET A 36 -4.05 -5.86 9.11
CA MET A 36 -4.49 -7.25 9.02
C MET A 36 -5.35 -7.62 10.22
N LYS A 37 -5.08 -6.98 11.36
CA LYS A 37 -5.84 -7.25 12.58
C LYS A 37 -7.33 -6.98 12.38
N LEU A 38 -7.64 -6.07 11.45
CA LEU A 38 -9.03 -5.74 11.17
C LEU A 38 -9.55 -6.50 9.95
N GLY A 39 -8.96 -7.67 9.69
CA GLY A 39 -9.37 -8.49 8.55
C GLY A 39 -9.24 -7.72 7.24
N GLY A 40 -8.08 -7.84 6.60
CA GLY A 40 -7.84 -7.16 5.34
C GLY A 40 -6.33 -7.02 5.08
N HIS A 41 -5.97 -6.05 4.25
CA HIS A 41 -4.56 -5.83 3.93
C HIS A 41 -4.34 -4.36 3.54
N LEU A 42 -3.13 -4.05 3.07
CA LEU A 42 -2.81 -2.67 2.67
C LEU A 42 -3.78 -2.20 1.58
N ALA A 43 -3.82 -0.89 1.37
CA ALA A 43 -4.72 -0.31 0.37
C ALA A 43 -4.47 -0.91 -1.01
N SER A 44 -5.17 -0.38 -2.01
CA SER A 44 -5.03 -0.85 -3.38
C SER A 44 -5.78 0.08 -4.34
N ILE A 45 -7.00 0.44 -3.95
CA ILE A 45 -7.85 1.33 -4.74
C ILE A 45 -7.85 0.95 -6.23
N HIS A 46 -8.47 1.79 -7.06
CA HIS A 46 -8.55 1.53 -8.49
C HIS A 46 -8.52 2.84 -9.28
N SER A 47 -9.45 3.73 -8.97
CA SER A 47 -9.53 5.02 -9.65
C SER A 47 -8.39 5.91 -9.21
N GLN A 48 -8.30 7.08 -9.83
CA GLN A 48 -7.25 8.05 -9.50
C GLN A 48 -7.72 9.00 -8.42
N GLU A 49 -9.03 9.26 -8.39
CA GLU A 49 -9.59 10.16 -7.38
C GLU A 49 -9.26 9.64 -5.99
N GLU A 50 -9.14 8.32 -5.86
CA GLU A 50 -8.79 7.74 -4.58
C GLU A 50 -7.38 8.17 -4.21
N HIS A 51 -6.53 8.34 -5.23
CA HIS A 51 -5.17 8.81 -4.99
C HIS A 51 -5.24 10.18 -4.36
N SER A 52 -6.12 11.02 -4.91
CA SER A 52 -6.32 12.37 -4.39
C SER A 52 -6.69 12.32 -2.91
N PHE A 53 -7.50 11.32 -2.55
CA PHE A 53 -7.93 11.15 -1.17
C PHE A 53 -6.73 10.98 -0.23
N ILE A 54 -5.67 10.39 -0.77
CA ILE A 54 -4.45 10.18 0.02
C ILE A 54 -3.69 11.49 0.20
N GLN A 55 -3.52 12.21 -0.90
CA GLN A 55 -2.80 13.48 -0.86
C GLN A 55 -3.51 14.47 0.06
N THR A 56 -4.83 14.38 0.10
CA THR A 56 -5.62 15.29 0.93
C THR A 56 -5.34 15.03 2.41
N LEU A 57 -5.04 13.77 2.74
CA LEU A 57 -4.75 13.40 4.11
C LEU A 57 -3.30 13.70 4.47
N ASN A 58 -2.41 13.49 3.50
CA ASN A 58 -0.96 13.73 3.67
C ASN A 58 -0.46 13.32 5.06
N ALA A 59 0.07 12.09 5.14
CA ALA A 59 0.59 11.59 6.41
C ALA A 59 1.72 10.57 6.18
N GLY A 60 2.36 10.67 5.02
CA GLY A 60 3.45 9.76 4.68
C GLY A 60 3.18 9.13 3.32
N VAL A 61 3.72 7.94 3.07
CA VAL A 61 3.48 7.28 1.79
C VAL A 61 2.36 6.25 1.97
N VAL A 62 2.17 5.41 0.97
CA VAL A 62 1.12 4.40 1.03
C VAL A 62 1.74 3.05 0.69
N TRP A 63 1.93 2.24 1.73
CA TRP A 63 2.55 0.93 1.56
C TRP A 63 1.64 0.00 0.75
N ILE A 64 1.98 -0.13 -0.54
CA ILE A 64 1.21 -0.99 -1.43
C ILE A 64 2.16 -1.83 -2.27
N GLY A 65 2.59 -2.96 -1.72
CA GLY A 65 3.50 -3.84 -2.44
C GLY A 65 4.13 -4.86 -1.50
N GLY A 66 4.29 -6.08 -1.99
CA GLY A 66 4.89 -7.15 -1.20
C GLY A 66 6.32 -6.79 -0.79
N SER A 67 7.29 -7.52 -1.35
CA SER A 67 8.69 -7.27 -1.04
C SER A 67 9.58 -8.21 -1.85
N ALA A 68 10.80 -7.76 -2.11
CA ALA A 68 11.75 -8.57 -2.87
C ALA A 68 13.19 -8.11 -2.60
N CYS A 69 13.79 -8.67 -1.57
CA CYS A 69 15.16 -8.31 -1.21
C CYS A 69 15.81 -9.41 -0.38
N LEU A 70 15.36 -10.65 -0.59
CA LEU A 70 15.90 -11.79 0.15
C LEU A 70 15.75 -13.06 -0.67
N GLN A 71 15.84 -12.92 -2.00
CA GLN A 71 15.71 -14.06 -2.89
C GLN A 71 16.63 -13.90 -4.09
N ALA A 72 16.53 -14.85 -5.03
CA ALA A 72 17.35 -14.79 -6.24
C ALA A 72 16.56 -14.21 -7.41
N GLY A 73 15.69 -13.26 -7.10
CA GLY A 73 14.88 -12.62 -8.13
C GLY A 73 13.51 -13.28 -8.24
N ALA A 74 12.49 -12.58 -7.76
CA ALA A 74 11.13 -13.11 -7.82
C ALA A 74 10.11 -11.97 -7.85
N TRP A 75 10.19 -11.13 -6.85
CA TRP A 75 9.29 -9.98 -6.74
C TRP A 75 7.84 -10.44 -6.67
N THR A 76 7.26 -10.34 -5.48
CA THR A 76 5.86 -10.74 -5.28
C THR A 76 5.05 -9.58 -4.72
N TRP A 77 3.75 -9.61 -4.99
CA TRP A 77 2.87 -8.55 -4.51
C TRP A 77 2.45 -8.84 -3.07
N SER A 78 1.54 -8.02 -2.54
CA SER A 78 1.05 -8.19 -1.17
C SER A 78 0.48 -9.59 -0.98
N ASP A 79 -0.16 -10.09 -2.03
CA ASP A 79 -0.76 -11.42 -2.00
C ASP A 79 -0.93 -11.97 -3.42
N GLY A 80 -0.05 -11.53 -4.33
CA GLY A 80 -0.11 -11.98 -5.72
C GLY A 80 -1.47 -11.71 -6.35
N THR A 81 -2.17 -10.71 -5.83
CA THR A 81 -3.51 -10.37 -6.34
C THR A 81 -3.46 -9.12 -7.23
N PRO A 82 -2.97 -7.97 -6.72
CA PRO A 82 -2.92 -6.73 -7.52
C PRO A 82 -1.69 -6.65 -8.41
N MET A 83 -1.88 -6.07 -9.61
CA MET A 83 -0.78 -5.93 -10.55
C MET A 83 -1.06 -4.80 -11.54
N ASN A 84 -1.68 -3.73 -11.04
CA ASN A 84 -2.01 -2.58 -11.88
C ASN A 84 -1.80 -1.28 -11.13
N PHE A 85 -2.13 -0.16 -11.78
CA PHE A 85 -1.97 1.16 -11.16
C PHE A 85 -0.50 1.51 -11.04
N ARG A 86 0.31 1.03 -11.97
CA ARG A 86 1.74 1.29 -11.95
C ARG A 86 2.14 2.18 -13.13
N SER A 87 2.16 3.49 -12.89
CA SER A 87 2.54 4.45 -13.93
C SER A 87 3.75 5.29 -13.50
N TRP A 88 4.47 4.81 -12.49
CA TRP A 88 5.66 5.53 -12.00
C TRP A 88 6.65 5.79 -13.14
N CYS A 89 7.71 6.53 -12.83
CA CYS A 89 8.73 6.85 -13.83
C CYS A 89 9.36 5.58 -14.39
N SER A 90 9.21 5.40 -15.69
CA SER A 90 9.76 4.21 -16.36
C SER A 90 11.00 4.58 -17.15
N THR A 91 11.73 5.59 -16.69
CA THR A 91 12.94 6.03 -17.37
C THR A 91 14.16 5.90 -16.45
N LYS A 92 14.06 5.00 -15.47
CA LYS A 92 15.16 4.79 -14.52
C LYS A 92 14.78 3.69 -13.52
N PRO A 93 15.66 2.69 -13.30
CA PRO A 93 15.36 1.60 -12.34
C PRO A 93 15.69 1.99 -10.91
N ASP A 94 15.27 1.14 -9.96
CA ASP A 94 15.53 1.41 -8.55
C ASP A 94 16.38 0.30 -7.92
N ASP A 95 16.98 -0.55 -8.76
CA ASP A 95 17.82 -1.65 -8.27
C ASP A 95 17.01 -2.61 -7.40
N VAL A 96 17.00 -3.87 -7.80
CA VAL A 96 16.27 -4.90 -7.06
C VAL A 96 16.76 -4.99 -5.61
N LEU A 97 18.07 -4.87 -5.44
CA LEU A 97 18.66 -4.94 -4.10
C LEU A 97 18.44 -3.62 -3.36
N ALA A 98 18.62 -2.52 -4.07
CA ALA A 98 18.45 -1.19 -3.47
C ALA A 98 16.98 -0.90 -3.16
N ALA A 99 16.08 -1.76 -3.63
CA ALA A 99 14.65 -1.55 -3.37
C ALA A 99 13.97 -2.86 -3.02
N CYS A 100 13.25 -2.86 -1.90
CA CYS A 100 12.56 -4.05 -1.44
C CYS A 100 11.05 -3.80 -1.36
N CYS A 101 10.66 -2.86 -0.50
CA CYS A 101 9.23 -2.53 -0.35
C CYS A 101 8.79 -1.60 -1.47
N MET A 102 7.48 -1.44 -1.62
CA MET A 102 6.95 -0.57 -2.68
C MET A 102 5.85 0.33 -2.15
N GLN A 103 5.73 1.51 -2.74
CA GLN A 103 4.70 2.48 -2.33
C GLN A 103 4.22 3.26 -3.54
N MET A 104 3.70 4.48 -3.34
CA MET A 104 3.24 5.27 -4.49
C MET A 104 2.76 6.67 -4.08
N THR A 105 3.43 7.27 -3.11
CA THR A 105 3.07 8.61 -2.67
C THR A 105 4.27 9.39 -2.16
N ALA A 106 5.47 8.97 -2.58
CA ALA A 106 6.72 9.64 -2.18
C ALA A 106 7.91 8.76 -2.56
N ALA A 107 8.13 8.59 -3.86
CA ALA A 107 9.23 7.76 -4.33
C ALA A 107 10.57 8.48 -4.14
N ALA A 108 10.93 9.37 -5.08
CA ALA A 108 12.19 10.10 -4.97
C ALA A 108 12.45 10.97 -6.19
N ASP A 109 11.98 10.54 -7.34
CA ASP A 109 12.13 11.31 -8.57
C ASP A 109 10.73 11.60 -9.06
N GLN A 110 9.87 11.90 -8.09
CA GLN A 110 8.48 12.15 -8.36
C GLN A 110 7.84 10.90 -8.91
N CYS A 111 8.30 9.75 -8.41
CA CYS A 111 7.77 8.47 -8.87
C CYS A 111 6.84 7.90 -7.81
N TRP A 112 6.18 6.79 -8.14
CA TRP A 112 5.25 6.18 -7.20
C TRP A 112 5.44 4.66 -7.17
N ASP A 113 6.52 4.22 -6.51
CA ASP A 113 6.85 2.79 -6.39
C ASP A 113 8.32 2.60 -6.00
N ASP A 114 8.60 1.44 -5.42
CA ASP A 114 9.97 1.08 -5.01
C ASP A 114 10.46 1.87 -3.80
N LEU A 115 10.92 1.12 -2.79
CA LEU A 115 11.47 1.68 -1.56
C LEU A 115 12.29 0.58 -0.87
N PRO A 116 13.06 0.91 0.18
CA PRO A 116 13.89 -0.09 0.88
C PRO A 116 13.11 -0.86 1.96
N CYS A 117 12.01 -0.24 2.43
CA CYS A 117 11.11 -0.79 3.50
C CYS A 117 11.11 0.11 4.74
N PRO A 118 12.28 0.55 5.25
CA PRO A 118 12.32 1.40 6.45
C PRO A 118 11.99 2.87 6.14
N ALA A 119 10.70 3.15 6.08
CA ALA A 119 10.23 4.50 5.82
C ALA A 119 8.93 4.71 6.59
N SER A 120 8.98 4.24 7.85
CA SER A 120 7.84 4.30 8.78
C SER A 120 6.91 5.48 8.54
N HIS A 121 5.92 5.26 7.67
CA HIS A 121 4.96 6.28 7.36
C HIS A 121 3.57 5.84 7.77
N LYS A 122 2.57 6.66 7.47
CA LYS A 122 1.18 6.33 7.80
C LYS A 122 0.80 4.97 7.24
N SER A 123 -0.45 4.59 7.45
CA SER A 123 -0.93 3.32 6.96
C SER A 123 -2.24 3.51 6.21
N VAL A 124 -2.45 2.70 5.19
CA VAL A 124 -3.67 2.78 4.40
C VAL A 124 -4.31 1.41 4.32
N CYS A 125 -5.53 1.31 4.82
CA CYS A 125 -6.23 0.02 4.82
C CYS A 125 -7.50 0.07 3.99
N ALA A 126 -7.72 -0.99 3.21
CA ALA A 126 -8.89 -1.10 2.35
C ALA A 126 -9.52 -2.47 2.56
N MET A 127 -10.85 -2.51 2.66
CA MET A 127 -11.56 -3.78 2.87
C MET A 127 -12.69 -3.93 1.87
N THR A 128 -13.21 -5.15 1.77
CA THR A 128 -14.31 -5.43 0.85
C THR A 128 -15.20 -6.55 1.41
N PHE A 129 -16.32 -6.80 0.72
CA PHE A 129 -17.23 -7.84 1.15
C PHE A 129 -17.77 -8.62 -0.05
#